data_7FFW
#
_entry.id   7FFW
#
_cell.length_a   87.714
_cell.length_b   89.692
_cell.length_c   64.066
_cell.angle_alpha   90.000
_cell.angle_beta   114.766
_cell.angle_gamma   90.000
#
_symmetry.space_group_name_H-M   'C 1 2 1'
#
loop_
_entity.id
_entity.type
_entity.pdbx_description
1 polymer 'Maltodextrin-binding protein'
2 branched alpha-D-glucopyranose-(1-4)-alpha-D-glucopyranose-(1-4)-alpha-D-glucopyranose-(1-4)-alpha-D-glucopyranose-(1-4)-alpha-D-glucopyranose
3 non-polymer (4S)-2-METHYL-2,4-PENTANEDIOL
4 non-polymer METHOXYETHANE
5 non-polymer GLYCEROL
6 water water
#
_entity_poly.entity_id   1
_entity_poly.type   'polypeptide(L)'
_entity_poly.pdbx_seq_one_letter_code
;KIEEGKLVIWINGDKGYNGLAEVGKKFEQDTGIKVTVEHPDKLEEKFPQVAATGDGPDIIFWAHDRFGGYAQSGLLAEVT
PDKAFQDKLYPFTWDAVRYNGKLIAYPIAVEALSLIYNKDLVPNPPKTWEEIPALDKELKVKGKSAIMFNLQEPYFTWPL
IAADGGYAFKFENGKYDVKDVGVDNAGAKAGLTFLIDMIKNKNMSADTDYSIAEAAFNKGETAMTINGPWAWSNIDKSKV
NYGVTLLPTFKGKPSKPFVGVLSAGINAASPNKELAKEFLENYLLTDQGLEAVNKDKPLGAVALKSFQEQLAKDPRIAAT
MDNAQKGEIMPNIPQMSAFWYAVRTAVINAASGRQTVDAALKDAQSRITK
;
_entity_poly.pdbx_strand_id   A
#
loop_
_chem_comp.id
_chem_comp.type
_chem_comp.name
_chem_comp.formula
2ME non-polymer METHOXYETHANE 'C3 H8 O'
GLC D-saccharide, alpha linking alpha-D-glucopyranose 'C6 H12 O6'
GOL non-polymer GLYCEROL 'C3 H8 O3'
MPD non-polymer (4S)-2-METHYL-2,4-PENTANEDIOL 'C6 H14 O2'
#
# COMPACT_ATOMS: atom_id res chain seq x y z
N GLU A 3 9.36 -29.39 -18.57
CA GLU A 3 9.81 -29.19 -19.95
C GLU A 3 9.89 -27.71 -20.34
N GLU A 4 11.06 -27.30 -20.80
CA GLU A 4 11.30 -25.92 -21.17
C GLU A 4 10.74 -25.62 -22.56
N GLY A 5 10.31 -24.38 -22.75
CA GLY A 5 9.79 -23.94 -24.04
C GLY A 5 8.33 -24.21 -24.28
N LYS A 6 7.57 -24.55 -23.24
CA LYS A 6 6.13 -24.69 -23.37
C LYS A 6 5.53 -24.32 -22.02
N LEU A 7 4.21 -24.20 -21.98
CA LEU A 7 3.50 -23.88 -20.74
C LEU A 7 2.47 -24.93 -20.46
N VAL A 8 2.49 -25.47 -19.25
CA VAL A 8 1.45 -26.37 -18.74
C VAL A 8 0.69 -25.62 -17.65
N ILE A 9 -0.63 -25.59 -17.77
CA ILE A 9 -1.49 -24.85 -16.84
C ILE A 9 -2.44 -25.85 -16.18
N TRP A 10 -2.62 -25.71 -14.87
CA TRP A 10 -3.65 -26.45 -14.14
C TRP A 10 -4.75 -25.50 -13.71
N ILE A 11 -6.01 -25.88 -13.92
CA ILE A 11 -7.15 -25.07 -13.49
C ILE A 11 -8.28 -26.01 -13.13
N ASN A 12 -9.13 -25.61 -12.19
CA ASN A 12 -10.15 -26.53 -11.69
C ASN A 12 -11.23 -26.78 -12.74
N GLY A 13 -11.81 -27.97 -12.68
CA GLY A 13 -12.75 -28.45 -13.68
C GLY A 13 -14.08 -27.71 -13.71
N ASP A 14 -14.36 -26.84 -12.75
CA ASP A 14 -15.59 -26.06 -12.85
C ASP A 14 -15.37 -24.70 -13.50
N LYS A 15 -14.14 -24.37 -13.91
CA LYS A 15 -13.82 -23.10 -14.53
C LYS A 15 -13.78 -23.23 -16.06
N GLY A 16 -13.65 -22.10 -16.72
CA GLY A 16 -13.69 -22.05 -18.18
C GLY A 16 -12.40 -22.50 -18.83
N TYR A 17 -12.06 -23.79 -18.71
CA TYR A 17 -10.75 -24.23 -19.17
C TYR A 17 -10.67 -24.33 -20.68
N ASN A 18 -11.81 -24.48 -21.37
CA ASN A 18 -11.75 -24.45 -22.83
C ASN A 18 -11.50 -23.04 -23.33
N GLY A 19 -12.11 -22.04 -22.70
CA GLY A 19 -11.83 -20.66 -23.05
C GLY A 19 -10.40 -20.24 -22.73
N LEU A 20 -9.88 -20.67 -21.58
CA LEU A 20 -8.46 -20.47 -21.32
C LEU A 20 -7.59 -21.13 -22.39
N ALA A 21 -7.98 -22.33 -22.84
CA ALA A 21 -7.21 -22.99 -23.89
C ALA A 21 -7.20 -22.19 -25.17
N GLU A 22 -8.27 -21.44 -25.45
CA GLU A 22 -8.32 -20.54 -26.59
C GLU A 22 -7.32 -19.39 -26.44
N VAL A 23 -7.15 -18.87 -25.22
CA VAL A 23 -6.11 -17.88 -24.99
C VAL A 23 -4.74 -18.50 -25.25
N GLY A 24 -4.55 -19.76 -24.84
CA GLY A 24 -3.30 -20.43 -25.10
C GLY A 24 -3.02 -20.68 -26.57
N LYS A 25 -4.07 -20.90 -27.36
CA LYS A 25 -3.89 -21.03 -28.81
C LYS A 25 -3.44 -19.72 -29.44
N LYS A 26 -4.03 -18.59 -29.02
CA LYS A 26 -3.56 -17.30 -29.51
C LYS A 26 -2.11 -17.05 -29.09
N PHE A 27 -1.74 -17.51 -27.89
CA PHE A 27 -0.35 -17.38 -27.45
C PHE A 27 0.60 -18.14 -28.38
N GLU A 28 0.26 -19.40 -28.67
CA GLU A 28 1.08 -20.20 -29.58
C GLU A 28 1.16 -19.55 -30.95
N GLN A 29 0.02 -19.11 -31.48
CA GLN A 29 -0.01 -18.50 -32.81
C GLN A 29 0.92 -17.30 -32.89
N ASP A 30 1.01 -16.53 -31.81
CA ASP A 30 1.88 -15.35 -31.79
C ASP A 30 3.34 -15.69 -31.51
N THR A 31 3.61 -16.73 -30.73
CA THR A 31 4.96 -17.00 -30.25
C THR A 31 5.50 -18.38 -30.59
N GLY A 32 4.67 -19.29 -31.08
CA GLY A 32 5.10 -20.65 -31.31
C GLY A 32 5.19 -21.52 -30.07
N ILE A 33 4.96 -20.95 -28.89
CA ILE A 33 5.06 -21.72 -27.65
C ILE A 33 3.70 -22.37 -27.38
N LYS A 34 3.72 -23.69 -27.23
CA LYS A 34 2.49 -24.44 -27.00
C LYS A 34 2.04 -24.31 -25.55
N VAL A 35 0.74 -24.12 -25.37
CA VAL A 35 0.12 -24.01 -24.05
C VAL A 35 -0.84 -25.18 -23.89
N THR A 36 -0.66 -25.97 -22.84
CA THR A 36 -1.55 -27.08 -22.54
C THR A 36 -2.30 -26.77 -21.25
N VAL A 37 -3.62 -26.82 -21.31
CA VAL A 37 -4.49 -26.60 -20.15
C VAL A 37 -5.02 -27.95 -19.68
N GLU A 38 -4.78 -28.27 -18.42
CA GLU A 38 -5.28 -29.49 -17.79
C GLU A 38 -6.16 -29.11 -16.61
N HIS A 39 -7.11 -29.98 -16.27
CA HIS A 39 -7.96 -29.81 -15.11
C HIS A 39 -7.98 -31.09 -14.27
N PRO A 40 -6.84 -31.44 -13.66
CA PRO A 40 -6.78 -32.68 -12.86
C PRO A 40 -7.68 -32.60 -11.64
N ASP A 41 -8.18 -33.76 -11.22
N ASP A 41 -8.19 -33.75 -11.21
CA ASP A 41 -8.87 -33.85 -9.94
CA ASP A 41 -8.90 -33.73 -9.94
C ASP A 41 -7.89 -33.56 -8.80
C ASP A 41 -7.92 -33.57 -8.80
N LYS A 42 -8.38 -32.90 -7.75
CA LYS A 42 -7.58 -32.63 -6.55
C LYS A 42 -6.27 -31.91 -6.89
N LEU A 43 -6.29 -31.07 -7.93
CA LEU A 43 -5.06 -30.42 -8.37
C LEU A 43 -4.46 -29.59 -7.25
N GLU A 44 -5.31 -29.05 -6.37
CA GLU A 44 -4.82 -28.20 -5.29
C GLU A 44 -4.09 -29.01 -4.22
N GLU A 45 -4.37 -30.31 -4.13
CA GLU A 45 -3.60 -31.19 -3.25
C GLU A 45 -2.40 -31.81 -3.95
N LYS A 46 -2.54 -32.09 -5.25
CA LYS A 46 -1.43 -32.65 -6.01
C LYS A 46 -0.31 -31.63 -6.19
N PHE A 47 -0.65 -30.35 -6.37
CA PHE A 47 0.40 -29.37 -6.66
C PHE A 47 1.50 -29.36 -5.61
N PRO A 48 1.22 -29.25 -4.31
CA PRO A 48 2.32 -29.24 -3.34
C PRO A 48 3.15 -30.52 -3.37
N GLN A 49 2.55 -31.64 -3.76
CA GLN A 49 3.29 -32.90 -3.79
C GLN A 49 4.20 -32.98 -5.00
N VAL A 50 3.76 -32.48 -6.16
CA VAL A 50 4.59 -32.56 -7.35
C VAL A 50 5.54 -31.35 -7.47
N ALA A 51 5.13 -30.16 -7.02
CA ALA A 51 6.04 -29.02 -7.07
C ALA A 51 7.19 -29.17 -6.07
N ALA A 52 6.97 -29.91 -4.97
CA ALA A 52 8.05 -30.10 -4.01
C ALA A 52 9.18 -30.94 -4.61
N THR A 53 8.87 -31.80 -5.57
CA THR A 53 9.87 -32.58 -6.29
C THR A 53 10.36 -31.87 -7.55
N GLY A 54 10.03 -30.59 -7.72
CA GLY A 54 10.44 -29.89 -8.92
C GLY A 54 9.68 -30.26 -10.17
N ASP A 55 8.47 -30.81 -10.04
CA ASP A 55 7.64 -31.02 -11.21
C ASP A 55 6.32 -30.28 -11.05
N GLY A 56 5.31 -30.71 -11.80
CA GLY A 56 4.03 -30.03 -11.79
C GLY A 56 3.86 -29.10 -12.98
N PRO A 57 2.85 -28.25 -12.92
CA PRO A 57 2.59 -27.33 -14.02
C PRO A 57 3.41 -26.06 -13.88
N ASP A 58 3.53 -25.34 -14.99
CA ASP A 58 4.16 -24.02 -14.94
C ASP A 58 3.28 -23.04 -14.18
N ILE A 59 1.96 -23.12 -14.38
CA ILE A 59 1.01 -22.17 -13.83
C ILE A 59 -0.10 -22.96 -13.15
N ILE A 60 -0.48 -22.55 -11.93
CA ILE A 60 -1.58 -23.18 -11.21
C ILE A 60 -2.62 -22.11 -10.88
N PHE A 61 -3.89 -22.41 -11.17
CA PHE A 61 -5.02 -21.54 -10.82
C PHE A 61 -5.77 -22.14 -9.63
N TRP A 62 -6.10 -21.31 -8.66
CA TRP A 62 -7.00 -21.68 -7.59
C TRP A 62 -7.43 -20.38 -6.93
N ALA A 63 -8.45 -20.46 -6.08
CA ALA A 63 -8.72 -19.30 -5.24
C ALA A 63 -7.51 -19.03 -4.34
N HIS A 64 -7.36 -17.77 -3.93
CA HIS A 64 -6.14 -17.36 -3.25
C HIS A 64 -5.94 -18.05 -1.91
N ASP A 65 -7.00 -18.60 -1.29
CA ASP A 65 -6.86 -19.17 0.06
C ASP A 65 -5.81 -20.28 0.10
N ARG A 66 -5.52 -20.92 -1.03
CA ARG A 66 -4.54 -22.01 -1.01
C ARG A 66 -3.11 -21.52 -1.13
N PHE A 67 -2.91 -20.27 -1.53
CA PHE A 67 -1.60 -19.87 -2.03
C PHE A 67 -0.62 -19.51 -0.91
N GLY A 68 -1.11 -19.11 0.27
CA GLY A 68 -0.18 -18.87 1.36
C GLY A 68 0.55 -20.13 1.79
N GLY A 69 -0.18 -21.26 1.85
CA GLY A 69 0.47 -22.53 2.13
C GLY A 69 1.51 -22.91 1.09
N TYR A 70 1.21 -22.68 -0.20
CA TYR A 70 2.21 -22.93 -1.23
C TYR A 70 3.41 -22.02 -1.06
N ALA A 71 3.16 -20.74 -0.81
CA ALA A 71 4.25 -19.77 -0.69
C ALA A 71 5.10 -20.09 0.53
N GLN A 72 4.46 -20.40 1.66
CA GLN A 72 5.20 -20.79 2.86
C GLN A 72 6.16 -21.94 2.60
N SER A 73 5.80 -22.87 1.71
CA SER A 73 6.66 -24.01 1.37
C SER A 73 7.63 -23.70 0.23
N GLY A 74 7.70 -22.45 -0.23
CA GLY A 74 8.63 -22.12 -1.30
C GLY A 74 8.26 -22.63 -2.68
N LEU A 75 6.98 -22.90 -2.94
CA LEU A 75 6.60 -23.52 -4.21
C LEU A 75 6.21 -22.52 -5.28
N LEU A 76 6.15 -21.23 -4.95
CA LEU A 76 5.71 -20.20 -5.89
C LEU A 76 6.82 -19.19 -6.16
N ALA A 77 6.94 -18.80 -7.41
CA ALA A 77 7.81 -17.69 -7.75
C ALA A 77 7.17 -16.39 -7.31
N GLU A 78 7.98 -15.45 -6.81
CA GLU A 78 7.50 -14.10 -6.62
C GLU A 78 7.15 -13.52 -7.98
N VAL A 79 5.98 -12.87 -8.10
CA VAL A 79 5.60 -12.32 -9.40
C VAL A 79 6.12 -10.89 -9.47
N THR A 80 6.50 -10.45 -10.67
CA THR A 80 7.24 -9.21 -10.81
C THR A 80 6.60 -8.17 -11.71
N PRO A 81 5.31 -7.82 -11.55
CA PRO A 81 4.71 -6.81 -12.44
C PRO A 81 5.22 -5.42 -12.11
N ASP A 82 5.46 -4.63 -13.15
CA ASP A 82 5.82 -3.24 -12.87
C ASP A 82 4.58 -2.48 -12.38
N LYS A 83 4.81 -1.24 -11.96
CA LYS A 83 3.73 -0.44 -11.39
C LYS A 83 2.65 -0.12 -12.41
N ALA A 84 3.02 0.00 -13.69
CA ALA A 84 2.02 0.23 -14.72
C ALA A 84 1.05 -0.95 -14.81
N PHE A 85 1.56 -2.17 -14.76
CA PHE A 85 0.67 -3.31 -14.79
C PHE A 85 -0.15 -3.42 -13.51
N GLN A 86 0.49 -3.21 -12.34
CA GLN A 86 -0.24 -3.30 -11.09
C GLN A 86 -1.42 -2.33 -11.06
N ASP A 87 -1.26 -1.15 -11.64
N ASP A 87 -1.25 -1.15 -11.66
CA ASP A 87 -2.38 -0.20 -11.60
CA ASP A 87 -2.30 -0.15 -11.72
C ASP A 87 -3.55 -0.64 -12.48
C ASP A 87 -3.54 -0.68 -12.43
N LYS A 88 -3.37 -1.64 -13.34
CA LYS A 88 -4.49 -2.13 -14.14
C LYS A 88 -5.47 -2.96 -13.34
N LEU A 89 -5.06 -3.52 -12.21
CA LEU A 89 -5.90 -4.39 -11.39
C LEU A 89 -6.28 -3.70 -10.09
N TYR A 90 -7.43 -4.08 -9.55
CA TYR A 90 -7.90 -3.47 -8.31
C TYR A 90 -6.92 -3.76 -7.17
N PRO A 91 -6.59 -2.76 -6.34
CA PRO A 91 -5.63 -2.97 -5.25
C PRO A 91 -6.00 -4.09 -4.29
N PHE A 92 -7.28 -4.24 -3.93
CA PHE A 92 -7.61 -5.30 -2.99
C PHE A 92 -7.37 -6.69 -3.57
N THR A 93 -7.35 -6.83 -4.91
CA THR A 93 -7.04 -8.14 -5.47
C THR A 93 -5.55 -8.47 -5.33
N TRP A 94 -4.68 -7.46 -5.47
CA TRP A 94 -3.27 -7.71 -5.16
C TRP A 94 -3.09 -8.06 -3.69
N ASP A 95 -3.82 -7.39 -2.78
CA ASP A 95 -3.72 -7.73 -1.37
C ASP A 95 -4.01 -9.21 -1.13
N ALA A 96 -4.94 -9.78 -1.89
CA ALA A 96 -5.31 -11.18 -1.72
C ALA A 96 -4.17 -12.13 -2.06
N VAL A 97 -3.21 -11.71 -2.89
CA VAL A 97 -2.13 -12.58 -3.33
C VAL A 97 -0.79 -12.09 -2.80
N ARG A 98 -0.79 -11.27 -1.75
CA ARG A 98 0.43 -10.89 -1.06
C ARG A 98 0.62 -11.81 0.14
N TYR A 99 1.83 -12.31 0.30
CA TYR A 99 2.16 -13.21 1.40
C TYR A 99 3.55 -12.85 1.90
N ASN A 100 3.66 -12.53 3.20
N ASN A 100 3.63 -12.54 3.20
CA ASN A 100 4.93 -12.13 3.79
CA ASN A 100 4.87 -12.09 3.82
C ASN A 100 5.51 -10.93 3.04
C ASN A 100 5.49 -10.95 3.04
N GLY A 101 4.65 -10.00 2.65
CA GLY A 101 5.07 -8.81 1.95
C GLY A 101 5.32 -8.94 0.45
N LYS A 102 5.29 -10.16 -0.11
CA LYS A 102 5.58 -10.36 -1.52
C LYS A 102 4.34 -10.81 -2.30
N LEU A 103 4.25 -10.37 -3.55
CA LEU A 103 3.19 -10.86 -4.44
C LEU A 103 3.57 -12.24 -4.96
N ILE A 104 2.66 -13.21 -4.80
CA ILE A 104 3.01 -14.59 -5.18
C ILE A 104 1.99 -15.18 -6.16
N ALA A 105 1.16 -14.35 -6.76
CA ALA A 105 0.28 -14.80 -7.82
C ALA A 105 -0.29 -13.58 -8.55
N TYR A 106 -0.89 -13.85 -9.72
CA TYR A 106 -1.66 -12.85 -10.44
C TYR A 106 -3.13 -13.04 -10.11
N PRO A 107 -3.82 -12.05 -9.58
CA PRO A 107 -5.27 -12.18 -9.40
C PRO A 107 -6.01 -12.07 -10.73
N ILE A 108 -7.10 -12.83 -10.83
CA ILE A 108 -7.86 -12.93 -12.08
C ILE A 108 -9.30 -12.48 -11.89
N ALA A 109 -9.98 -13.01 -10.89
CA ALA A 109 -11.41 -12.79 -10.80
C ALA A 109 -11.82 -12.87 -9.33
N VAL A 110 -12.95 -12.24 -9.01
CA VAL A 110 -13.45 -12.15 -7.65
C VAL A 110 -14.78 -12.90 -7.59
N GLU A 111 -14.85 -13.92 -6.72
CA GLU A 111 -15.99 -14.84 -6.67
C GLU A 111 -16.69 -14.75 -5.34
N ALA A 112 -18.02 -14.79 -5.40
CA ALA A 112 -18.79 -15.06 -4.20
C ALA A 112 -20.05 -15.80 -4.57
N LEU A 113 -20.57 -16.57 -3.62
CA LEU A 113 -21.85 -17.26 -3.81
C LEU A 113 -23.00 -16.29 -3.80
N SER A 114 -24.03 -16.61 -4.55
CA SER A 114 -25.30 -15.88 -4.54
C SER A 114 -26.46 -16.86 -4.47
N LEU A 115 -27.64 -16.34 -4.15
CA LEU A 115 -28.89 -17.07 -4.29
C LEU A 115 -29.33 -17.01 -5.76
N ILE A 116 -29.49 -18.19 -6.36
CA ILE A 116 -29.96 -18.30 -7.74
C ILE A 116 -31.38 -18.85 -7.68
N TYR A 117 -32.33 -18.17 -8.35
CA TYR A 117 -33.72 -18.56 -8.21
C TYR A 117 -34.38 -18.66 -9.57
N ASN A 118 -35.43 -19.45 -9.62
CA ASN A 118 -36.20 -19.67 -10.84
C ASN A 118 -37.32 -18.64 -10.84
N LYS A 119 -37.22 -17.65 -11.73
CA LYS A 119 -38.17 -16.55 -11.77
C LYS A 119 -39.61 -17.03 -11.93
N ASP A 120 -39.80 -18.16 -12.58
CA ASP A 120 -41.16 -18.63 -12.86
C ASP A 120 -41.71 -19.49 -11.73
N LEU A 121 -40.86 -20.00 -10.84
CA LEU A 121 -41.33 -20.70 -9.66
C LEU A 121 -41.42 -19.80 -8.43
N VAL A 122 -40.49 -18.86 -8.26
CA VAL A 122 -40.51 -17.93 -7.14
C VAL A 122 -40.22 -16.54 -7.69
N PRO A 123 -41.23 -15.87 -8.26
CA PRO A 123 -41.01 -14.52 -8.79
C PRO A 123 -40.41 -13.56 -7.78
N ASN A 124 -40.79 -13.69 -6.51
CA ASN A 124 -40.27 -12.87 -5.42
C ASN A 124 -39.51 -13.80 -4.48
N PRO A 125 -38.19 -13.92 -4.66
CA PRO A 125 -37.45 -14.90 -3.86
C PRO A 125 -37.40 -14.52 -2.40
N PRO A 126 -37.32 -15.49 -1.49
CA PRO A 126 -37.36 -15.20 -0.06
C PRO A 126 -36.17 -14.39 0.39
N LYS A 127 -36.43 -13.41 1.25
CA LYS A 127 -35.32 -12.64 1.80
C LYS A 127 -34.71 -13.29 3.04
N THR A 128 -35.41 -14.23 3.69
CA THR A 128 -34.91 -14.84 4.92
C THR A 128 -34.80 -16.34 4.77
N TRP A 129 -33.82 -16.91 5.46
CA TRP A 129 -33.74 -18.36 5.56
C TRP A 129 -34.97 -18.94 6.24
N GLU A 130 -35.48 -18.24 7.26
CA GLU A 130 -36.51 -18.81 8.10
C GLU A 130 -37.81 -19.08 7.34
N GLU A 131 -38.05 -18.38 6.24
CA GLU A 131 -39.30 -18.57 5.50
C GLU A 131 -39.20 -19.69 4.47
N ILE A 132 -38.03 -20.29 4.32
CA ILE A 132 -37.87 -21.30 3.28
C ILE A 132 -38.64 -22.58 3.58
N PRO A 133 -38.75 -23.05 4.83
CA PRO A 133 -39.55 -24.28 5.05
C PRO A 133 -41.01 -24.15 4.63
N ALA A 134 -41.65 -23.00 4.88
CA ALA A 134 -43.04 -22.85 4.45
C ALA A 134 -43.14 -22.82 2.93
N LEU A 135 -42.15 -22.20 2.28
CA LEU A 135 -42.13 -22.22 0.82
C LEU A 135 -41.97 -23.63 0.30
N ASP A 136 -41.08 -24.40 0.95
CA ASP A 136 -40.86 -25.78 0.52
C ASP A 136 -42.14 -26.59 0.64
N LYS A 137 -42.91 -26.36 1.68
CA LYS A 137 -44.15 -27.10 1.87
C LYS A 137 -45.08 -26.91 0.68
N GLU A 138 -45.27 -25.65 0.24
CA GLU A 138 -46.13 -25.42 -0.92
C GLU A 138 -45.53 -26.02 -2.19
N LEU A 139 -44.22 -25.92 -2.36
CA LEU A 139 -43.63 -26.52 -3.55
C LEU A 139 -43.71 -28.04 -3.51
N LYS A 140 -43.65 -28.66 -2.33
CA LYS A 140 -43.65 -30.12 -2.29
C LYS A 140 -44.98 -30.70 -2.77
N VAL A 141 -46.09 -29.98 -2.61
CA VAL A 141 -47.35 -30.50 -3.13
C VAL A 141 -47.38 -30.44 -4.65
N LYS A 142 -46.53 -29.61 -5.26
CA LYS A 142 -46.36 -29.59 -6.70
C LYS A 142 -45.27 -30.53 -7.18
N GLY A 143 -44.71 -31.35 -6.29
CA GLY A 143 -43.64 -32.25 -6.67
C GLY A 143 -42.30 -31.57 -6.87
N LYS A 144 -42.12 -30.38 -6.30
CA LYS A 144 -40.89 -29.58 -6.37
C LYS A 144 -40.34 -29.38 -4.96
N SER A 145 -39.19 -28.71 -4.87
CA SER A 145 -38.63 -28.32 -3.59
C SER A 145 -38.23 -26.85 -3.65
N ALA A 146 -38.06 -26.23 -2.47
CA ALA A 146 -37.68 -24.83 -2.43
C ALA A 146 -36.23 -24.61 -2.84
N ILE A 147 -35.29 -25.39 -2.30
CA ILE A 147 -33.88 -25.09 -2.51
C ILE A 147 -33.04 -26.36 -2.42
N MET A 148 -32.03 -26.45 -3.30
CA MET A 148 -31.02 -27.49 -3.23
C MET A 148 -29.67 -26.88 -3.53
N PHE A 149 -28.68 -27.19 -2.69
CA PHE A 149 -27.30 -26.77 -2.96
C PHE A 149 -26.34 -27.78 -2.37
N ASN A 150 -25.08 -27.67 -2.78
CA ASN A 150 -24.05 -28.63 -2.41
C ASN A 150 -23.83 -28.63 -0.89
N LEU A 151 -24.21 -29.70 -0.21
CA LEU A 151 -23.98 -29.78 1.24
C LEU A 151 -22.70 -30.50 1.60
N GLN A 152 -21.94 -30.96 0.60
CA GLN A 152 -20.71 -31.71 0.85
C GLN A 152 -19.49 -30.80 1.00
N GLU A 153 -19.53 -29.60 0.44
CA GLU A 153 -18.36 -28.72 0.51
C GLU A 153 -18.67 -27.54 1.42
N PRO A 154 -17.85 -27.29 2.43
CA PRO A 154 -18.18 -26.26 3.43
C PRO A 154 -18.21 -24.87 2.85
N TYR A 155 -17.58 -24.66 1.70
CA TYR A 155 -17.73 -23.37 1.01
C TYR A 155 -19.18 -22.96 0.88
N PHE A 156 -20.08 -23.92 0.62
CA PHE A 156 -21.49 -23.59 0.32
C PHE A 156 -22.34 -23.40 1.57
N THR A 157 -21.95 -24.02 2.68
CA THR A 157 -22.71 -23.91 3.92
C THR A 157 -22.15 -22.83 4.83
N TRP A 158 -20.89 -22.44 4.62
CA TRP A 158 -20.30 -21.38 5.44
C TRP A 158 -21.08 -20.06 5.47
N PRO A 159 -21.67 -19.57 4.37
CA PRO A 159 -22.39 -18.28 4.50
C PRO A 159 -23.47 -18.31 5.56
N LEU A 160 -24.15 -19.43 5.74
CA LEU A 160 -25.17 -19.56 6.79
C LEU A 160 -24.53 -19.67 8.18
N ILE A 161 -23.42 -20.40 8.28
CA ILE A 161 -22.74 -20.60 9.55
C ILE A 161 -22.17 -19.28 10.06
N ALA A 162 -21.62 -18.45 9.16
CA ALA A 162 -21.04 -17.18 9.54
C ALA A 162 -22.08 -16.12 9.87
N ALA A 163 -23.32 -16.28 9.41
CA ALA A 163 -24.30 -15.17 9.46
C ALA A 163 -24.50 -14.64 10.87
N ASP A 164 -24.72 -15.55 11.83
CA ASP A 164 -24.98 -15.13 13.22
C ASP A 164 -23.72 -15.00 14.06
N GLY A 165 -22.52 -15.18 13.47
CA GLY A 165 -21.32 -14.91 14.23
C GLY A 165 -20.14 -15.83 14.01
N GLY A 166 -20.29 -16.91 13.26
CA GLY A 166 -19.15 -17.76 12.99
C GLY A 166 -18.09 -17.04 12.19
N TYR A 167 -16.82 -17.36 12.46
CA TYR A 167 -15.74 -16.84 11.62
C TYR A 167 -14.61 -17.86 11.57
N ALA A 168 -13.70 -17.66 10.61
CA ALA A 168 -12.53 -18.53 10.48
C ALA A 168 -11.47 -18.08 11.47
N PHE A 169 -10.58 -17.15 11.06
CA PHE A 169 -9.57 -16.58 11.94
C PHE A 169 -9.83 -15.09 12.14
N LYS A 170 -9.69 -14.61 13.37
CA LYS A 170 -9.84 -13.16 13.55
C LYS A 170 -8.65 -12.40 12.98
N PHE A 171 -8.96 -11.31 12.28
CA PHE A 171 -7.95 -10.42 11.76
C PHE A 171 -7.74 -9.27 12.76
N GLU A 172 -6.47 -8.99 13.06
CA GLU A 172 -6.10 -7.83 13.86
C GLU A 172 -5.54 -6.77 12.92
N ASN A 173 -6.20 -5.61 12.84
CA ASN A 173 -5.74 -4.56 11.96
C ASN A 173 -4.34 -4.09 12.34
N GLY A 174 -3.60 -3.62 11.34
CA GLY A 174 -2.31 -3.00 11.61
C GLY A 174 -2.47 -1.80 12.53
N LYS A 175 -1.51 -1.62 13.42
CA LYS A 175 -1.61 -0.61 14.46
C LYS A 175 -0.20 -0.12 14.81
N TYR A 176 -0.11 1.16 15.21
CA TYR A 176 1.11 1.63 15.84
C TYR A 176 1.11 1.25 17.32
N ASP A 177 2.24 0.76 17.80
CA ASP A 177 2.43 0.50 19.23
C ASP A 177 2.90 1.81 19.87
N VAL A 178 1.98 2.53 20.51
CA VAL A 178 2.30 3.84 21.06
C VAL A 178 3.22 3.77 22.26
N LYS A 179 3.37 2.61 22.87
CA LYS A 179 4.28 2.46 23.99
C LYS A 179 5.65 2.15 23.49
N ASP A 180 5.84 2.11 22.19
CA ASP A 180 7.13 1.70 21.71
C ASP A 180 7.73 2.64 20.68
N VAL A 181 8.76 3.34 21.12
CA VAL A 181 9.23 4.55 20.49
C VAL A 181 10.74 4.42 20.34
N GLY A 182 11.26 4.88 19.21
CA GLY A 182 12.67 4.72 18.92
C GLY A 182 13.47 6.00 18.96
N VAL A 183 13.15 6.85 19.92
CA VAL A 183 13.80 8.15 19.97
C VAL A 183 15.12 8.11 20.74
N ASP A 184 15.27 7.19 21.71
CA ASP A 184 16.54 7.10 22.43
C ASP A 184 17.27 5.77 22.21
N ASN A 185 17.14 5.16 21.04
CA ASN A 185 17.94 3.97 20.80
C ASN A 185 19.31 4.38 20.25
N ALA A 186 20.17 3.39 20.02
CA ALA A 186 21.55 3.69 19.66
C ALA A 186 21.64 4.38 18.32
N GLY A 187 20.72 4.04 17.41
CA GLY A 187 20.75 4.65 16.08
C GLY A 187 20.38 6.12 16.12
N ALA A 188 19.34 6.46 16.89
CA ALA A 188 18.96 7.86 17.06
C ALA A 188 20.11 8.66 17.67
N LYS A 189 20.73 8.12 18.72
CA LYS A 189 21.82 8.83 19.37
C LYS A 189 22.99 9.02 18.42
N ALA A 190 23.27 8.01 17.59
CA ALA A 190 24.40 8.17 16.66
C ALA A 190 24.17 9.31 15.69
N GLY A 191 22.96 9.41 15.13
CA GLY A 191 22.69 10.45 14.16
C GLY A 191 22.68 11.81 14.80
N LEU A 192 22.06 11.92 15.99
CA LEU A 192 22.07 13.23 16.64
C LEU A 192 23.48 13.61 17.09
N THR A 193 24.28 12.65 17.54
CA THR A 193 25.67 12.95 17.88
C THR A 193 26.46 13.47 16.68
N PHE A 194 26.24 12.90 15.49
CA PHE A 194 26.93 13.42 14.32
C PHE A 194 26.53 14.88 14.05
N LEU A 195 25.24 15.22 14.18
CA LEU A 195 24.81 16.62 14.05
C LEU A 195 25.51 17.50 15.07
N ILE A 196 25.55 17.05 16.32
CA ILE A 196 26.18 17.87 17.35
C ILE A 196 27.69 18.00 17.08
N ASP A 197 28.30 16.95 16.55
CA ASP A 197 29.72 17.04 16.24
C ASP A 197 30.01 18.04 15.11
N MET A 198 29.11 18.12 14.11
CA MET A 198 29.26 19.15 13.07
C MET A 198 29.14 20.55 13.68
N ILE A 199 28.22 20.72 14.62
CA ILE A 199 28.08 22.02 15.30
C ILE A 199 29.34 22.36 16.08
N LYS A 200 29.84 21.39 16.85
CA LYS A 200 31.07 21.61 17.63
C LYS A 200 32.23 21.97 16.72
N ASN A 201 32.33 21.31 15.57
CA ASN A 201 33.37 21.56 14.58
C ASN A 201 33.12 22.83 13.78
N LYS A 202 32.04 23.55 14.07
CA LYS A 202 31.65 24.78 13.39
C LYS A 202 31.41 24.57 11.89
N ASN A 203 30.98 23.37 11.51
CA ASN A 203 30.42 23.18 10.18
C ASN A 203 28.99 23.70 10.08
N MET A 204 28.28 23.76 11.19
CA MET A 204 26.96 24.37 11.22
C MET A 204 26.83 25.15 12.52
N SER A 205 25.78 25.96 12.60
CA SER A 205 25.52 26.78 13.77
C SER A 205 24.16 26.41 14.34
N ALA A 206 24.09 26.21 15.65
CA ALA A 206 22.87 25.73 16.27
C ALA A 206 21.69 26.69 16.10
N ASP A 207 21.94 27.97 15.79
CA ASP A 207 20.82 28.89 15.65
C ASP A 207 20.31 29.03 14.22
N THR A 208 20.85 28.28 13.27
CA THR A 208 20.33 28.35 11.91
C THR A 208 18.88 27.91 11.87
N ASP A 209 18.02 28.74 11.28
CA ASP A 209 16.59 28.44 11.17
C ASP A 209 16.21 28.44 9.68
N TYR A 210 14.90 28.39 9.41
CA TYR A 210 14.46 28.26 8.03
C TYR A 210 14.91 29.45 7.18
N SER A 211 14.65 30.66 7.68
CA SER A 211 14.94 31.87 6.90
C SER A 211 16.43 32.06 6.65
N ILE A 212 17.26 31.78 7.67
CA ILE A 212 18.71 31.94 7.54
C ILE A 212 19.26 30.99 6.48
N ALA A 213 18.84 29.73 6.55
CA ALA A 213 19.35 28.76 5.59
C ALA A 213 18.86 29.08 4.18
N GLU A 214 17.59 29.43 4.04
CA GLU A 214 17.06 29.75 2.71
C GLU A 214 17.81 30.93 2.09
N ALA A 215 17.98 32.00 2.86
CA ALA A 215 18.70 33.16 2.36
C ALA A 215 20.14 32.81 1.97
N ALA A 216 20.83 32.07 2.83
CA ALA A 216 22.21 31.70 2.53
C ALA A 216 22.31 30.86 1.26
N PHE A 217 21.43 29.85 1.11
CA PHE A 217 21.53 29.04 -0.09
C PHE A 217 21.16 29.83 -1.32
N ASN A 218 20.12 30.65 -1.24
CA ASN A 218 19.62 31.32 -2.43
C ASN A 218 20.49 32.50 -2.85
N LYS A 219 21.39 32.95 -1.96
CA LYS A 219 22.37 33.96 -2.29
C LYS A 219 23.72 33.37 -2.69
N GLY A 220 23.84 32.05 -2.71
CA GLY A 220 25.09 31.42 -3.12
C GLY A 220 26.15 31.36 -2.04
N GLU A 221 25.78 31.51 -0.77
CA GLU A 221 26.74 31.53 0.34
C GLU A 221 27.02 30.14 0.90
N THR A 222 26.11 29.20 0.71
CA THR A 222 26.32 27.84 1.13
C THR A 222 26.01 26.92 -0.04
N ALA A 223 26.76 25.83 -0.12
CA ALA A 223 26.70 24.95 -1.29
C ALA A 223 25.49 24.04 -1.30
N MET A 224 24.89 23.76 -0.13
CA MET A 224 23.81 22.78 -0.06
C MET A 224 22.81 23.22 1.00
N THR A 225 21.59 22.73 0.86
CA THR A 225 20.58 22.90 1.89
C THR A 225 19.68 21.68 1.88
N ILE A 226 18.80 21.59 2.87
CA ILE A 226 17.82 20.51 2.95
C ILE A 226 16.45 21.17 3.07
N ASN A 227 15.57 20.88 2.11
CA ASN A 227 14.25 21.50 2.09
C ASN A 227 13.30 20.68 1.23
N GLY A 228 12.03 21.08 1.22
CA GLY A 228 11.05 20.34 0.46
C GLY A 228 10.62 21.10 -0.78
N PRO A 229 9.64 20.55 -1.50
CA PRO A 229 9.26 21.14 -2.80
C PRO A 229 8.79 22.58 -2.74
N TRP A 230 8.14 22.96 -1.64
CA TRP A 230 7.64 24.32 -1.51
C TRP A 230 8.76 25.35 -1.66
N ALA A 231 10.01 24.98 -1.37
CA ALA A 231 11.12 25.93 -1.39
C ALA A 231 11.68 26.20 -2.79
N TRP A 232 11.32 25.37 -3.77
CA TRP A 232 11.98 25.43 -5.07
C TRP A 232 11.69 26.73 -5.79
N SER A 233 10.45 27.24 -5.65
CA SER A 233 10.02 28.43 -6.36
C SER A 233 10.93 29.62 -6.08
N ASN A 234 11.30 29.82 -4.80
CA ASN A 234 12.23 30.91 -4.46
C ASN A 234 13.62 30.65 -5.01
N ILE A 235 14.05 29.39 -5.15
CA ILE A 235 15.38 29.18 -5.73
C ILE A 235 15.33 29.40 -7.26
N ASP A 236 14.22 29.05 -7.89
CA ASP A 236 14.03 29.38 -9.30
C ASP A 236 14.27 30.86 -9.57
N LYS A 237 13.74 31.71 -8.70
CA LYS A 237 13.85 33.15 -8.87
C LYS A 237 15.23 33.69 -8.50
N SER A 238 16.01 32.93 -7.74
CA SER A 238 17.34 33.36 -7.37
C SER A 238 18.31 33.14 -8.52
N LYS A 239 19.54 33.60 -8.31
CA LYS A 239 20.61 33.38 -9.27
C LYS A 239 21.17 31.97 -9.28
N VAL A 240 20.77 31.11 -8.35
CA VAL A 240 21.47 29.84 -8.13
C VAL A 240 20.95 28.79 -9.08
N ASN A 241 21.88 28.04 -9.72
CA ASN A 241 21.56 26.86 -10.51
C ASN A 241 21.64 25.65 -9.58
N TYR A 242 20.48 25.08 -9.25
CA TYR A 242 20.40 24.10 -8.19
C TYR A 242 19.92 22.79 -8.77
N GLY A 243 20.34 21.69 -8.14
CA GLY A 243 19.80 20.39 -8.41
C GLY A 243 19.17 19.85 -7.13
N VAL A 244 18.39 18.79 -7.27
CA VAL A 244 17.67 18.16 -6.17
C VAL A 244 18.02 16.69 -6.20
N THR A 245 18.50 16.15 -5.09
CA THR A 245 19.02 14.77 -5.17
C THR A 245 18.78 14.03 -3.85
N LEU A 246 19.28 12.79 -3.80
CA LEU A 246 19.16 12.00 -2.57
C LEU A 246 19.87 12.65 -1.39
N LEU A 247 19.26 12.56 -0.22
CA LEU A 247 19.92 12.97 1.01
C LEU A 247 21.19 12.12 1.19
N PRO A 248 22.21 12.68 1.84
CA PRO A 248 23.42 11.89 2.09
C PRO A 248 23.13 10.70 3.00
N THR A 249 23.95 9.66 2.85
CA THR A 249 23.86 8.51 3.73
C THR A 249 24.61 8.77 5.04
N PHE A 250 24.26 8.00 6.05
CA PHE A 250 24.96 8.05 7.33
C PHE A 250 25.30 6.62 7.72
N LYS A 251 26.58 6.40 8.05
CA LYS A 251 27.08 5.05 8.33
C LYS A 251 26.65 4.08 7.23
N GLY A 252 26.65 4.57 5.99
CA GLY A 252 26.32 3.74 4.84
C GLY A 252 24.84 3.50 4.60
N LYS A 253 23.93 4.00 5.52
CA LYS A 253 22.52 3.77 5.36
C LYS A 253 21.82 5.03 4.88
N PRO A 254 20.72 4.92 4.14
CA PRO A 254 20.04 6.12 3.64
C PRO A 254 19.49 6.97 4.78
N SER A 255 19.53 8.29 4.59
CA SER A 255 18.74 9.18 5.42
C SER A 255 17.27 8.87 5.18
N LYS A 256 16.45 8.97 6.23
CA LYS A 256 15.06 8.51 6.20
C LYS A 256 14.13 9.67 6.53
N PRO A 257 13.79 10.49 5.55
CA PRO A 257 12.86 11.60 5.82
C PRO A 257 11.46 11.09 6.09
N PHE A 258 10.75 11.76 6.99
CA PHE A 258 9.34 11.47 7.18
C PHE A 258 8.55 11.99 6.00
N VAL A 259 7.62 11.18 5.50
CA VAL A 259 6.83 11.57 4.34
C VAL A 259 5.50 12.14 4.82
N GLY A 260 5.18 13.35 4.35
CA GLY A 260 3.93 14.02 4.71
C GLY A 260 3.01 14.07 3.52
N VAL A 261 1.73 13.81 3.76
CA VAL A 261 0.71 13.99 2.74
C VAL A 261 -0.03 15.26 3.08
N LEU A 262 0.22 16.33 2.32
CA LEU A 262 -0.60 17.53 2.47
C LEU A 262 -2.06 17.17 2.27
N SER A 263 -2.91 17.56 3.22
CA SER A 263 -4.30 17.11 3.25
C SER A 263 -5.22 18.25 3.64
N ALA A 264 -6.46 18.17 3.14
CA ALA A 264 -7.47 19.19 3.38
C ALA A 264 -8.61 18.53 4.15
N GLY A 265 -8.82 18.97 5.37
CA GLY A 265 -9.88 18.45 6.22
C GLY A 265 -11.02 19.44 6.26
N ILE A 266 -12.23 18.95 6.46
CA ILE A 266 -13.41 19.79 6.54
C ILE A 266 -13.84 19.89 8.00
N ASN A 267 -13.93 21.12 8.50
CA ASN A 267 -14.27 21.33 9.90
C ASN A 267 -15.64 20.73 10.22
N ALA A 268 -15.71 19.93 11.29
CA ALA A 268 -16.99 19.32 11.67
C ALA A 268 -18.04 20.37 12.04
N ALA A 269 -17.60 21.57 12.41
CA ALA A 269 -18.52 22.65 12.72
C ALA A 269 -18.91 23.47 11.50
N SER A 270 -18.41 23.13 10.32
CA SER A 270 -18.63 23.96 9.16
C SER A 270 -20.09 23.84 8.71
N PRO A 271 -20.79 24.95 8.50
CA PRO A 271 -22.11 24.89 7.85
C PRO A 271 -22.06 24.78 6.34
N ASN A 272 -20.86 24.61 5.77
CA ASN A 272 -20.66 24.62 4.33
C ASN A 272 -20.04 23.33 3.81
N LYS A 273 -20.37 22.18 4.43
CA LYS A 273 -19.70 20.93 4.09
C LYS A 273 -19.94 20.55 2.63
N GLU A 274 -21.16 20.77 2.12
CA GLU A 274 -21.43 20.48 0.71
C GLU A 274 -20.58 21.34 -0.22
N LEU A 275 -20.47 22.64 0.09
CA LEU A 275 -19.64 23.53 -0.74
C LEU A 275 -18.17 23.14 -0.65
N ALA A 276 -17.71 22.76 0.54
CA ALA A 276 -16.32 22.35 0.71
C ALA A 276 -16.01 21.11 -0.12
N LYS A 277 -16.91 20.13 -0.11
CA LYS A 277 -16.73 18.93 -0.93
C LYS A 277 -16.62 19.30 -2.41
N GLU A 278 -17.50 20.19 -2.88
CA GLU A 278 -17.49 20.60 -4.28
C GLU A 278 -16.19 21.31 -4.64
N PHE A 279 -15.74 22.25 -3.80
CA PHE A 279 -14.49 22.95 -4.08
C PHE A 279 -13.31 21.99 -4.13
N LEU A 280 -13.20 21.10 -3.14
CA LEU A 280 -12.04 20.22 -3.08
C LEU A 280 -12.08 19.17 -4.18
N GLU A 281 -13.24 18.54 -4.41
CA GLU A 281 -13.30 17.45 -5.37
C GLU A 281 -13.26 17.97 -6.81
N ASN A 282 -13.96 19.05 -7.09
CA ASN A 282 -14.19 19.45 -8.47
C ASN A 282 -13.42 20.69 -8.91
N TYR A 283 -12.77 21.41 -7.99
CA TYR A 283 -11.93 22.54 -8.37
C TYR A 283 -10.47 22.34 -8.01
N LEU A 284 -10.16 22.02 -6.75
CA LEU A 284 -8.76 21.89 -6.36
C LEU A 284 -8.15 20.62 -6.93
N LEU A 285 -8.83 19.51 -6.73
CA LEU A 285 -8.27 18.23 -7.14
C LEU A 285 -8.56 17.96 -8.61
N THR A 286 -8.20 18.93 -9.44
CA THR A 286 -8.18 18.80 -10.88
C THR A 286 -6.78 19.13 -11.39
N ASP A 287 -6.48 18.71 -12.63
CA ASP A 287 -5.22 19.09 -13.25
C ASP A 287 -5.01 20.59 -13.20
N GLN A 288 -6.08 21.35 -13.49
CA GLN A 288 -5.97 22.81 -13.55
C GLN A 288 -5.85 23.41 -12.15
N GLY A 289 -6.60 22.88 -11.18
CA GLY A 289 -6.52 23.38 -9.82
C GLY A 289 -5.14 23.17 -9.21
N LEU A 290 -4.63 21.93 -9.29
CA LEU A 290 -3.30 21.67 -8.73
C LEU A 290 -2.24 22.48 -9.45
N GLU A 291 -2.43 22.72 -10.75
CA GLU A 291 -1.45 23.50 -11.49
C GLU A 291 -1.39 24.94 -10.96
N ALA A 292 -2.54 25.53 -10.63
CA ALA A 292 -2.54 26.89 -10.11
C ALA A 292 -1.79 26.98 -8.79
N VAL A 293 -1.97 26.01 -7.90
CA VAL A 293 -1.21 26.00 -6.66
C VAL A 293 0.26 25.71 -6.94
N ASN A 294 0.54 24.72 -7.77
CA ASN A 294 1.91 24.28 -8.02
C ASN A 294 2.77 25.40 -8.61
N LYS A 295 2.20 26.26 -9.45
CA LYS A 295 2.97 27.36 -10.05
C LYS A 295 3.28 28.46 -9.04
N ASP A 296 2.53 28.52 -7.95
CA ASP A 296 2.87 29.43 -6.85
C ASP A 296 4.05 28.84 -6.06
N LYS A 297 3.82 27.71 -5.39
CA LYS A 297 4.87 27.02 -4.61
C LYS A 297 4.66 25.55 -4.95
N PRO A 298 5.69 24.86 -5.45
CA PRO A 298 5.50 23.46 -5.85
C PRO A 298 4.99 22.59 -4.71
N LEU A 299 4.07 21.67 -5.07
CA LEU A 299 3.42 20.79 -4.10
C LEU A 299 4.24 19.54 -3.82
N GLY A 300 5.17 19.22 -4.71
CA GLY A 300 5.81 17.91 -4.67
C GLY A 300 5.13 16.94 -5.61
N ALA A 301 5.15 15.65 -5.28
CA ALA A 301 4.28 14.72 -5.98
C ALA A 301 2.85 14.99 -5.53
N VAL A 302 1.88 14.80 -6.43
CA VAL A 302 0.50 15.09 -6.09
C VAL A 302 -0.28 13.79 -5.99
N ALA A 303 -1.40 13.85 -5.25
CA ALA A 303 -2.24 12.66 -5.04
C ALA A 303 -3.03 12.30 -6.30
N LEU A 304 -3.29 13.27 -7.16
CA LEU A 304 -4.13 13.09 -8.35
C LEU A 304 -3.31 12.42 -9.45
N LYS A 305 -3.71 11.19 -9.82
CA LYS A 305 -2.87 10.39 -10.72
C LYS A 305 -2.62 11.11 -12.04
N SER A 306 -3.64 11.77 -12.58
CA SER A 306 -3.51 12.38 -13.90
C SER A 306 -2.50 13.52 -13.91
N PHE A 307 -2.48 14.34 -12.85
CA PHE A 307 -1.51 15.44 -12.83
C PHE A 307 -0.12 14.94 -12.43
N GLN A 308 -0.04 13.96 -11.53
CA GLN A 308 1.26 13.41 -11.14
C GLN A 308 2.01 12.83 -12.35
N GLU A 309 1.28 12.24 -13.30
CA GLU A 309 1.94 11.72 -14.50
C GLU A 309 2.67 12.82 -15.26
N GLN A 310 2.16 14.06 -15.21
CA GLN A 310 2.82 15.19 -15.85
C GLN A 310 4.04 15.68 -15.06
N LEU A 311 4.06 15.46 -13.75
CA LEU A 311 5.13 15.94 -12.89
C LEU A 311 6.26 14.94 -12.76
N ALA A 312 5.97 13.64 -12.92
CA ALA A 312 6.95 12.61 -12.62
C ALA A 312 8.20 12.73 -13.47
N LYS A 313 8.08 13.38 -14.63
CA LYS A 313 9.21 13.59 -15.52
C LYS A 313 10.28 14.49 -14.89
N ASP A 314 9.88 15.44 -14.07
CA ASP A 314 10.78 16.43 -13.46
C ASP A 314 11.80 15.73 -12.57
N PRO A 315 13.11 15.87 -12.82
CA PRO A 315 14.09 15.26 -11.91
C PRO A 315 13.94 15.71 -10.46
N ARG A 316 13.39 16.91 -10.19
CA ARG A 316 13.18 17.29 -8.79
C ARG A 316 12.14 16.42 -8.13
N ILE A 317 11.09 16.06 -8.87
CA ILE A 317 10.03 15.19 -8.36
C ILE A 317 10.53 13.76 -8.24
N ALA A 318 11.32 13.30 -9.22
CA ALA A 318 11.96 11.99 -9.12
C ALA A 318 12.79 11.88 -7.84
N ALA A 319 13.60 12.90 -7.55
CA ALA A 319 14.42 12.88 -6.34
C ALA A 319 13.53 12.93 -5.09
N THR A 320 12.45 13.70 -5.14
CA THR A 320 11.51 13.74 -4.03
C THR A 320 10.97 12.33 -3.73
N MET A 321 10.54 11.62 -4.78
CA MET A 321 10.00 10.27 -4.60
CA MET A 321 9.99 10.29 -4.56
C MET A 321 11.08 9.28 -4.17
N ASP A 322 12.31 9.44 -4.65
N ASP A 322 12.30 9.45 -4.65
CA ASP A 322 13.39 8.55 -4.24
CA ASP A 322 13.38 8.55 -4.25
C ASP A 322 13.66 8.68 -2.75
C ASP A 322 13.68 8.68 -2.76
N ASN A 323 13.76 9.91 -2.26
CA ASN A 323 13.93 10.11 -0.83
C ASN A 323 12.73 9.63 -0.05
N ALA A 324 11.51 9.89 -0.55
CA ALA A 324 10.30 9.41 0.09
C ALA A 324 10.30 7.90 0.26
N GLN A 325 10.73 7.16 -0.77
CA GLN A 325 10.73 5.71 -0.68
C GLN A 325 11.77 5.19 0.28
N LYS A 326 12.83 5.96 0.55
CA LYS A 326 13.80 5.57 1.57
C LYS A 326 13.34 5.91 2.97
N GLY A 327 12.37 6.81 3.11
CA GLY A 327 11.87 7.23 4.40
C GLY A 327 10.66 6.44 4.83
N GLU A 328 9.87 7.04 5.71
CA GLU A 328 8.67 6.43 6.26
C GLU A 328 7.51 7.39 6.20
N ILE A 329 6.31 6.90 5.91
CA ILE A 329 5.13 7.74 6.02
C ILE A 329 4.94 8.12 7.48
N MET A 330 4.56 9.37 7.73
CA MET A 330 4.30 9.72 9.10
C MET A 330 3.06 8.97 9.61
N PRO A 331 3.05 8.54 10.87
CA PRO A 331 1.79 8.19 11.52
C PRO A 331 0.85 9.37 11.58
N ASN A 332 -0.45 9.09 11.55
CA ASN A 332 -1.43 10.15 11.80
C ASN A 332 -2.00 10.11 13.21
N ILE A 333 -1.49 9.26 14.10
CA ILE A 333 -2.10 9.03 15.41
C ILE A 333 -2.03 10.28 16.29
N PRO A 334 -2.94 10.45 17.24
CA PRO A 334 -2.89 11.63 18.12
C PRO A 334 -1.55 11.81 18.81
N GLN A 335 -0.82 10.72 19.07
CA GLN A 335 0.45 10.78 19.77
C GLN A 335 1.57 11.39 18.94
N MET A 336 1.33 11.68 17.67
CA MET A 336 2.39 12.23 16.82
C MET A 336 2.80 13.64 17.26
N SER A 337 1.86 14.46 17.75
CA SER A 337 2.22 15.80 18.20
CA SER A 337 2.25 15.80 18.17
C SER A 337 3.14 15.76 19.41
N ALA A 338 2.85 14.84 20.35
CA ALA A 338 3.74 14.63 21.49
C ALA A 338 5.13 14.24 21.04
N PHE A 339 5.22 13.31 20.10
CA PHE A 339 6.50 12.96 19.51
C PHE A 339 7.25 14.20 19.02
N TRP A 340 6.58 15.07 18.26
CA TRP A 340 7.28 16.19 17.63
C TRP A 340 7.70 17.23 18.65
N TYR A 341 6.82 17.55 19.60
CA TYR A 341 7.17 18.51 20.65
C TYR A 341 8.37 18.03 21.46
N ALA A 342 8.42 16.73 21.77
CA ALA A 342 9.50 16.21 22.60
C ALA A 342 10.80 16.15 21.81
N VAL A 343 10.74 15.69 20.55
CA VAL A 343 11.95 15.61 19.75
C VAL A 343 12.48 17.01 19.43
N ARG A 344 11.59 17.99 19.21
CA ARG A 344 12.02 19.37 19.00
CA ARG A 344 12.03 19.36 19.00
C ARG A 344 12.88 19.86 20.17
N THR A 345 12.36 19.71 21.39
CA THR A 345 13.12 20.09 22.59
C THR A 345 14.45 19.33 22.68
N ALA A 346 14.44 18.03 22.37
CA ALA A 346 15.69 17.28 22.49
C ALA A 346 16.75 17.81 21.54
N VAL A 347 16.37 18.07 20.29
CA VAL A 347 17.37 18.48 19.31
C VAL A 347 17.93 19.86 19.65
N ILE A 348 17.06 20.79 20.01
CA ILE A 348 17.50 22.15 20.35
C ILE A 348 18.37 22.14 21.60
N ASN A 349 17.96 21.39 22.64
CA ASN A 349 18.78 21.25 23.83
C ASN A 349 20.15 20.64 23.53
N ALA A 350 20.21 19.58 22.71
CA ALA A 350 21.51 18.98 22.45
C ALA A 350 22.38 19.90 21.58
N ALA A 351 21.79 20.54 20.57
CA ALA A 351 22.57 21.38 19.68
C ALA A 351 23.07 22.63 20.38
N SER A 352 22.35 23.11 21.38
CA SER A 352 22.73 24.31 22.10
C SER A 352 23.59 24.01 23.32
N GLY A 353 23.84 22.74 23.64
CA GLY A 353 24.62 22.38 24.81
C GLY A 353 23.87 22.43 26.12
N ARG A 354 22.55 22.61 26.09
CA ARG A 354 21.74 22.56 27.30
C ARG A 354 21.62 21.15 27.86
N GLN A 355 21.80 20.14 27.02
CA GLN A 355 21.80 18.74 27.45
C GLN A 355 22.78 17.95 26.59
N THR A 356 23.28 16.85 27.14
CA THR A 356 23.97 15.87 26.30
C THR A 356 22.97 15.26 25.35
N VAL A 357 23.49 14.62 24.30
CA VAL A 357 22.65 13.88 23.36
C VAL A 357 21.89 12.77 24.09
N ASP A 358 22.58 12.01 24.94
CA ASP A 358 21.91 10.93 25.66
C ASP A 358 20.82 11.46 26.58
N ALA A 359 21.12 12.51 27.36
CA ALA A 359 20.12 12.99 28.32
C ALA A 359 18.92 13.60 27.60
N ALA A 360 19.19 14.31 26.49
CA ALA A 360 18.13 14.91 25.69
C ALA A 360 17.18 13.85 25.15
N LEU A 361 17.71 12.81 24.50
CA LEU A 361 16.85 11.83 23.86
C LEU A 361 16.17 10.93 24.89
N LYS A 362 16.84 10.62 26.00
CA LYS A 362 16.16 9.89 27.08
C LYS A 362 14.96 10.67 27.59
N ASP A 363 15.12 11.97 27.83
CA ASP A 363 14.00 12.76 28.30
C ASP A 363 12.86 12.77 27.28
N ALA A 364 13.21 12.92 26.00
CA ALA A 364 12.17 12.88 24.97
C ALA A 364 11.44 11.53 25.00
N GLN A 365 12.18 10.43 25.06
CA GLN A 365 11.57 9.11 25.12
C GLN A 365 10.59 9.01 26.29
N SER A 366 10.99 9.48 27.47
CA SER A 366 10.13 9.46 28.66
C SER A 366 8.87 10.31 28.46
N ARG A 367 9.00 11.48 27.83
CA ARG A 367 7.85 12.32 27.58
C ARG A 367 6.84 11.64 26.65
N ILE A 368 7.35 10.94 25.64
CA ILE A 368 6.47 10.42 24.60
C ILE A 368 5.74 9.17 25.08
N THR A 369 6.39 8.35 25.90
CA THR A 369 5.84 7.05 26.28
C THR A 369 5.18 7.04 27.65
N LYS A 370 5.48 7.99 28.52
CA LYS A 370 4.82 7.97 29.82
C LYS A 370 3.62 8.88 29.74
C1 GLC B . 6.57 22.12 5.91
C2 GLC B . 5.98 20.67 5.77
C3 GLC B . 5.49 20.11 7.07
C4 GLC B . 6.55 20.13 8.11
C5 GLC B . 7.14 21.53 8.26
C6 GLC B . 8.33 21.57 9.24
O1 GLC B . 5.62 22.92 6.26
O2 GLC B . 4.93 20.72 4.81
O3 GLC B . 5.07 18.68 6.83
O4 GLC B . 5.91 19.78 9.38
O5 GLC B . 7.65 22.04 6.99
O6 GLC B . 8.62 22.94 9.59
C1 GLC B . 6.12 18.45 9.80
C2 GLC B . 4.83 17.92 10.41
C3 GLC B . 4.41 18.87 11.52
C4 GLC B . 5.47 18.98 12.59
C5 GLC B . 6.81 19.40 11.98
C6 GLC B . 7.88 19.27 13.03
O2 GLC B . 3.84 17.95 9.36
O3 GLC B . 3.15 18.44 12.13
O4 GLC B . 5.03 20.00 13.55
O5 GLC B . 7.15 18.45 10.88
O6 GLC B . 9.08 19.91 12.61
C1 GLC B . 4.77 19.50 14.80
C2 GLC B . 3.52 20.12 15.39
C3 GLC B . 3.63 21.61 15.48
C4 GLC B . 4.81 22.06 16.32
C5 GLC B . 6.09 21.34 15.86
C6 GLC B . 7.23 21.55 16.80
O2 GLC B . 2.42 19.70 14.59
O3 GLC B . 2.43 22.13 16.09
O4 GLC B . 5.03 23.48 16.17
O5 GLC B . 5.88 19.88 15.73
O6 GLC B . 8.46 21.25 16.15
C1 GLC B . 4.41 24.33 17.09
C2 GLC B . 4.30 25.76 16.52
C3 GLC B . 5.56 26.57 16.59
C4 GLC B . 6.24 26.52 17.92
C5 GLC B . 6.43 25.06 18.30
C6 GLC B . 7.15 24.90 19.60
O2 GLC B . 3.88 25.72 15.15
O3 GLC B . 5.18 27.94 16.24
O4 GLC B . 7.54 27.15 17.87
O5 GLC B . 5.13 24.37 18.41
O6 GLC B . 6.32 25.32 20.64
C1 GLC B . 7.54 28.51 18.13
C2 GLC B . 8.94 29.06 17.92
C3 GLC B . 9.89 28.58 18.99
C4 GLC B . 9.40 28.90 20.36
C5 GLC B . 7.99 28.32 20.56
C6 GLC B . 7.48 28.67 21.92
O2 GLC B . 9.43 28.65 16.64
O3 GLC B . 11.20 29.17 18.79
O4 GLC B . 10.30 28.33 21.32
O5 GLC B . 7.06 28.80 19.52
O6 GLC B . 6.66 29.81 21.82
C1 MPD C . 9.21 19.59 -18.12
C2 MPD C . 9.02 18.53 -17.03
O2 MPD C . 7.72 17.91 -17.22
CM MPD C . 9.01 19.15 -15.64
C3 MPD C . 10.06 17.42 -17.15
C4 MPD C . 11.52 17.85 -17.19
O4 MPD C . 11.92 18.51 -16.00
C5 MPD C . 12.42 16.63 -17.32
CA' 2ME D . 2.71 9.77 -6.09
CB' 2ME D . 3.60 8.53 -6.03
OC' 2ME D . 4.14 8.27 -7.29
CD' 2ME D . 5.42 7.69 -7.26
C1 GOL E . -1.21 5.03 7.10
O1 GOL E . -0.62 5.69 6.02
C2 GOL E . -0.46 5.48 8.40
O2 GOL E . 0.84 5.84 8.16
C3 GOL E . -1.28 6.65 8.98
O3 GOL E . -1.15 6.57 10.36
C1 GOL F . 3.75 28.54 22.25
O1 GOL F . 3.46 29.75 21.60
C2 GOL F . 3.03 27.44 21.45
O2 GOL F . 3.26 27.54 20.08
C3 GOL F . 3.52 26.11 22.09
O3 GOL F . 3.68 25.19 21.05
#